data_7W9S
#
_entry.id   7W9S
#
_cell.length_a   63.992
_cell.length_b   77.663
_cell.length_c   150.831
_cell.angle_alpha   90.000
_cell.angle_beta   90.000
_cell.angle_gamma   90.000
#
_symmetry.space_group_name_H-M   'P 21 21 21'
#
loop_
_entity.id
_entity.type
_entity.pdbx_description
1 polymer 'Genome polyprotein'
2 polymer 'RNA (35-MER)'
3 polymer "RNA (5'-R(*UP*GP*UP*UP*CP*GP*AP*CP*GP*AP*GP*AP*GP*AP*GP*AP*CP*CP*U)-3')"
4 non-polymer "CYTIDINE-5'-TRIPHOSPHATE"
5 non-polymer 'SULFATE ION'
6 non-polymer 'ZINC ION'
7 non-polymer 'MAGNESIUM ION'
8 water water
#
loop_
_entity_poly.entity_id
_entity_poly.type
_entity_poly.pdbx_seq_one_letter_code
_entity_poly.pdbx_strand_id
1 'polypeptide(L)'
;GEIQWVKPNKETGRLNINGPTRTKLEPSVFHDVFEGNKEPAVLHSKDPRLEVDFEQALFSKYVGNTLYEPDEYIKEAALH
YANQLKQLDIDTSQMSMEEACYGTENLEAIDLHTSAGYPYSALGIKKRDILDSTTRDVSKMKFYMDKYGLDLPYSTYVKD
ELRSIDKIKKGKSRLIEASSLNDSVYLRMTFGHLYETFHANPGTVTGSAVGCNPDTFWSKLPILLPGSLFAFDYSGYDAS
LSPVWFRALELVLREIGYSEEAVSLVEGINHTHHVYRNKTYCVLGGMPSGMSGTSIFNSMINNIIIRALLIKTFKGIDLD
ELNMVAYGDDVLASYPFPIDCLELARTGKEYGLTMTPADKSPCFNEVNWDNATFLKRGFLPDEQFPFLIHPTMPMKEIHE
SIRWTKDARNTQDHVRSLCLLAWHNGKQEYEKFVSAIRSVPVGKALAIPNYENLRRNWLELFHHHHHH
;
A
2 'polyribonucleotide' GGGAGAUGAAAGUCUCCAGGUCUCUCUCGUCGAAA B
3 'polyribonucleotide' UGUUCGACGAGAGAGAC C
#
# COMPACT_ATOMS: atom_id res chain seq x y z
N GLY A 1 -3.72 -13.49 10.44
CA GLY A 1 -3.99 -12.61 11.57
C GLY A 1 -5.32 -12.94 12.25
N GLU A 2 -5.30 -13.07 13.56
CA GLU A 2 -6.50 -13.40 14.31
C GLU A 2 -6.56 -12.53 15.56
N ILE A 3 -7.75 -12.07 15.90
CA ILE A 3 -7.91 -11.25 17.10
C ILE A 3 -7.82 -12.15 18.33
N GLN A 4 -6.92 -11.81 19.24
CA GLN A 4 -6.73 -12.68 20.39
C GLN A 4 -7.78 -12.43 21.47
N TRP A 5 -8.03 -11.16 21.78
CA TRP A 5 -8.99 -10.81 22.82
C TRP A 5 -9.44 -9.37 22.62
N VAL A 6 -10.58 -9.03 23.23
CA VAL A 6 -11.24 -7.74 23.14
C VAL A 6 -11.78 -7.40 24.53
N LYS A 7 -11.13 -6.44 25.23
CA LYS A 7 -11.53 -5.88 26.52
C LYS A 7 -12.01 -4.43 26.35
N PRO A 8 -12.98 -3.98 27.16
CA PRO A 8 -13.37 -2.56 27.14
C PRO A 8 -12.27 -1.65 27.66
N ASN A 9 -12.28 -0.41 27.17
CA ASN A 9 -11.24 0.55 27.55
C ASN A 9 -11.19 0.74 29.06
N LYS A 10 -12.35 0.72 29.72
CA LYS A 10 -12.38 0.76 31.18
C LYS A 10 -11.46 -0.32 31.76
N GLU A 11 -11.57 -1.54 31.26
CA GLU A 11 -10.76 -2.63 31.80
C GLU A 11 -9.29 -2.50 31.43
N THR A 12 -8.96 -1.87 30.30
CA THR A 12 -7.56 -1.73 29.90
C THR A 12 -6.98 -0.37 30.21
N GLY A 13 -7.81 0.59 30.63
CA GLY A 13 -7.28 1.89 30.98
C GLY A 13 -6.88 2.75 29.80
N ARG A 14 -7.21 2.32 28.58
CA ARG A 14 -6.94 3.12 27.40
C ARG A 14 -8.00 4.20 27.21
N LEU A 15 -7.59 5.34 26.67
CA LEU A 15 -8.52 6.42 26.40
C LEU A 15 -9.31 6.08 25.15
N ASN A 16 -10.61 6.40 25.19
CA ASN A 16 -11.47 6.19 24.02
C ASN A 16 -10.96 6.97 22.82
N ILE A 17 -11.28 6.46 21.63
CA ILE A 17 -10.84 7.07 20.40
C ILE A 17 -12.07 7.22 19.52
N ASN A 18 -12.49 8.48 19.30
CA ASN A 18 -13.76 8.78 18.63
C ASN A 18 -13.49 9.10 17.16
N GLY A 19 -14.22 8.43 16.27
CA GLY A 19 -14.00 8.57 14.85
C GLY A 19 -15.19 9.16 14.11
N PRO A 20 -14.90 9.88 13.03
CA PRO A 20 -15.97 10.43 12.18
C PRO A 20 -16.89 9.34 11.62
N THR A 21 -18.17 9.69 11.43
CA THR A 21 -19.13 8.76 10.84
C THR A 21 -19.72 9.24 9.51
N ARG A 22 -19.46 10.49 9.11
CA ARG A 22 -20.03 11.02 7.89
C ARG A 22 -18.98 11.16 6.79
N THR A 23 -19.32 10.70 5.60
CA THR A 23 -18.45 10.82 4.42
C THR A 23 -18.22 12.28 4.07
N LYS A 24 -17.02 12.58 3.56
CA LYS A 24 -16.78 13.92 3.03
C LYS A 24 -17.02 13.99 1.53
N LEU A 25 -17.34 12.86 0.89
CA LEU A 25 -17.50 12.74 -0.55
C LEU A 25 -18.93 13.09 -0.94
N GLU A 26 -19.13 14.31 -1.44
CA GLU A 26 -20.38 14.68 -2.10
C GLU A 26 -20.28 14.34 -3.58
N PRO A 27 -21.40 14.19 -4.28
CA PRO A 27 -21.33 14.09 -5.75
C PRO A 27 -20.80 15.37 -6.38
N SER A 28 -20.12 15.21 -7.52
CA SER A 28 -19.51 16.35 -8.20
C SER A 28 -20.40 16.80 -9.36
N VAL A 29 -20.10 17.99 -9.91
CA VAL A 29 -20.80 18.45 -11.09
C VAL A 29 -20.66 17.50 -12.29
N PHE A 30 -19.73 16.54 -12.26
CA PHE A 30 -19.64 15.55 -13.32
C PHE A 30 -20.33 14.25 -12.96
N HIS A 31 -21.15 14.23 -11.91
CA HIS A 31 -21.68 12.97 -11.38
C HIS A 31 -22.59 12.27 -12.39
N ASP A 32 -23.25 13.01 -13.27
CA ASP A 32 -24.17 12.39 -14.23
C ASP A 32 -23.69 12.50 -15.67
N VAL A 33 -22.55 13.15 -15.90
CA VAL A 33 -21.92 13.12 -17.22
C VAL A 33 -21.28 11.77 -17.49
N PHE A 34 -20.77 11.11 -16.46
CA PHE A 34 -20.02 9.86 -16.61
C PHE A 34 -20.75 8.74 -15.88
N GLU A 35 -20.75 7.54 -16.46
CA GLU A 35 -21.32 6.39 -15.77
C GLU A 35 -20.35 5.90 -14.71
N GLY A 36 -20.89 5.24 -13.70
CA GLY A 36 -20.06 4.77 -12.60
C GLY A 36 -20.91 4.09 -11.55
N ASN A 37 -20.25 3.21 -10.79
CA ASN A 37 -20.95 2.36 -9.82
C ASN A 37 -20.23 2.29 -8.48
N LYS A 38 -19.49 3.34 -8.11
CA LYS A 38 -18.85 3.42 -6.81
C LYS A 38 -19.49 4.52 -5.96
N GLU A 39 -19.61 4.25 -4.67
CA GLU A 39 -20.20 5.16 -3.72
C GLU A 39 -19.30 5.24 -2.50
N PRO A 40 -19.38 6.32 -1.73
CA PRO A 40 -18.60 6.40 -0.48
C PRO A 40 -18.82 5.17 0.39
N ALA A 41 -17.73 4.70 1.01
CA ALA A 41 -17.77 3.48 1.83
C ALA A 41 -18.72 3.67 3.01
N VAL A 42 -19.17 2.55 3.55
CA VAL A 42 -20.05 2.59 4.72
C VAL A 42 -19.20 2.90 5.94
N LEU A 43 -19.62 3.91 6.71
CA LEU A 43 -18.84 4.28 7.89
C LEU A 43 -19.63 4.24 9.20
N HIS A 44 -20.95 4.41 9.17
CA HIS A 44 -21.80 4.23 10.34
C HIS A 44 -22.45 2.85 10.30
N SER A 45 -22.60 2.24 11.47
CA SER A 45 -23.28 0.95 11.59
C SER A 45 -24.72 1.00 11.08
N LYS A 46 -25.35 2.17 11.07
CA LYS A 46 -26.72 2.34 10.62
C LYS A 46 -26.83 2.86 9.18
N ASP A 47 -25.79 2.68 8.35
CA ASP A 47 -25.89 3.10 6.96
C ASP A 47 -27.01 2.33 6.29
N PRO A 48 -28.03 3.01 5.74
CA PRO A 48 -29.16 2.30 5.14
C PRO A 48 -28.76 1.33 4.06
N ARG A 49 -27.61 1.54 3.41
CA ARG A 49 -27.15 0.69 2.31
C ARG A 49 -26.65 -0.67 2.79
N LEU A 50 -26.48 -0.87 4.09
CA LEU A 50 -25.93 -2.11 4.58
C LEU A 50 -26.90 -3.27 4.36
N GLU A 51 -26.33 -4.47 4.17
CA GLU A 51 -27.08 -5.72 4.18
C GLU A 51 -26.36 -6.82 4.97
N VAL A 52 -25.55 -6.43 5.96
CA VAL A 52 -24.86 -7.38 6.83
C VAL A 52 -24.51 -6.59 8.09
N ASP A 53 -24.31 -7.31 9.19
CA ASP A 53 -23.87 -6.63 10.42
C ASP A 53 -22.54 -5.92 10.17
N PHE A 54 -22.49 -4.63 10.50
CA PHE A 54 -21.36 -3.81 10.09
C PHE A 54 -20.06 -4.23 10.77
N GLU A 55 -20.02 -4.18 12.10
CA GLU A 55 -18.78 -4.48 12.79
C GLU A 55 -18.30 -5.89 12.48
N GLN A 56 -19.21 -6.83 12.21
CA GLN A 56 -18.77 -8.18 11.87
C GLN A 56 -18.10 -8.25 10.50
N ALA A 57 -18.47 -7.35 9.59
CA ALA A 57 -17.88 -7.38 8.25
C ALA A 57 -16.46 -6.81 8.27
N LEU A 58 -16.28 -5.65 8.91
CA LEU A 58 -14.97 -5.01 8.98
C LEU A 58 -13.92 -5.95 9.50
N PHE A 59 -14.24 -6.71 10.54
CA PHE A 59 -13.25 -7.52 11.20
C PHE A 59 -13.21 -8.94 10.66
N SER A 60 -14.05 -9.26 9.69
CA SER A 60 -14.03 -10.58 9.07
C SER A 60 -12.73 -10.85 8.30
N LYS A 61 -11.88 -9.83 8.08
CA LYS A 61 -10.64 -10.06 7.33
C LYS A 61 -9.58 -10.79 8.14
N TYR A 62 -9.72 -10.85 9.47
CA TYR A 62 -8.81 -11.64 10.27
C TYR A 62 -9.18 -13.11 10.10
N VAL A 63 -8.68 -13.68 8.99
CA VAL A 63 -8.96 -15.06 8.59
C VAL A 63 -8.58 -16.03 9.70
N GLY A 64 -7.54 -15.71 10.45
CA GLY A 64 -6.92 -16.65 11.35
C GLY A 64 -5.50 -16.96 10.90
N ASN A 65 -4.79 -17.66 11.78
CA ASN A 65 -3.39 -17.97 11.55
C ASN A 65 -3.22 -19.43 11.21
N THR A 66 -2.23 -19.73 10.37
CA THR A 66 -1.85 -21.10 10.10
C THR A 66 -0.47 -21.39 10.70
N LEU A 67 0.61 -20.87 10.12
CA LEU A 67 1.95 -21.19 10.57
C LEU A 67 2.47 -20.12 11.53
N TYR A 68 3.27 -20.56 12.50
CA TYR A 68 3.92 -19.68 13.47
C TYR A 68 5.42 -19.67 13.35
N GLU A 69 6.00 -20.78 13.06
CA GLU A 69 7.44 -20.85 12.85
C GLU A 69 7.73 -21.19 11.39
N PRO A 70 8.80 -20.65 10.81
CA PRO A 70 9.08 -20.91 9.40
C PRO A 70 9.42 -22.37 9.14
N ASP A 71 9.00 -22.86 7.97
CA ASP A 71 9.33 -24.21 7.53
C ASP A 71 10.63 -24.17 6.72
N GLU A 72 10.90 -25.23 5.95
CA GLU A 72 12.12 -25.27 5.16
C GLU A 72 12.03 -24.32 3.97
N TYR A 73 10.89 -24.30 3.29
CA TYR A 73 10.77 -23.47 2.10
C TYR A 73 10.83 -21.99 2.43
N ILE A 74 10.29 -21.59 3.58
CA ILE A 74 10.23 -20.18 3.90
C ILE A 74 11.60 -19.67 4.35
N LYS A 75 12.37 -20.53 5.03
CA LYS A 75 13.76 -20.20 5.37
C LYS A 75 14.59 -20.00 4.10
N GLU A 76 14.48 -20.94 3.15
CA GLU A 76 15.26 -20.82 1.91
C GLU A 76 14.86 -19.57 1.15
N ALA A 77 13.56 -19.31 1.07
CA ALA A 77 13.05 -18.09 0.43
C ALA A 77 13.63 -16.85 1.09
N ALA A 78 13.50 -16.77 2.42
CA ALA A 78 14.03 -15.61 3.14
C ALA A 78 15.51 -15.40 2.83
N LEU A 79 16.34 -16.43 2.96
CA LEU A 79 17.77 -16.23 2.77
C LEU A 79 18.09 -15.85 1.32
N HIS A 80 17.39 -16.44 0.37
CA HIS A 80 17.64 -16.09 -1.02
C HIS A 80 17.41 -14.60 -1.24
N TYR A 81 16.28 -14.09 -0.73
CA TYR A 81 15.96 -12.68 -0.87
C TYR A 81 16.98 -11.81 -0.16
N ALA A 82 17.38 -12.24 1.05
CA ALA A 82 18.30 -11.44 1.85
C ALA A 82 19.67 -11.31 1.17
N ASN A 83 20.18 -12.39 0.58
CA ASN A 83 21.45 -12.28 -0.13
C ASN A 83 21.33 -11.38 -1.33
N GLN A 84 20.15 -11.35 -1.94
CA GLN A 84 19.89 -10.37 -2.99
C GLN A 84 20.06 -8.94 -2.47
N LEU A 85 19.50 -8.65 -1.29
CA LEU A 85 19.57 -7.30 -0.77
C LEU A 85 20.99 -6.90 -0.37
N LYS A 86 21.86 -7.86 -0.05
CA LYS A 86 23.22 -7.54 0.38
C LYS A 86 23.91 -6.61 -0.61
N GLN A 87 23.67 -6.78 -1.90
CA GLN A 87 24.36 -5.96 -2.89
C GLN A 87 23.93 -4.51 -2.87
N LEU A 88 22.92 -4.14 -2.08
CA LEU A 88 22.57 -2.74 -1.95
C LEU A 88 23.37 -2.04 -0.88
N ASP A 89 23.94 -2.81 0.06
CA ASP A 89 24.70 -2.29 1.18
C ASP A 89 23.84 -1.34 2.03
N ILE A 90 22.83 -1.93 2.68
CA ILE A 90 21.99 -1.17 3.57
C ILE A 90 22.84 -0.73 4.76
N ASP A 91 22.81 0.56 5.05
CA ASP A 91 23.40 1.06 6.29
C ASP A 91 22.43 0.75 7.43
N THR A 92 22.80 -0.17 8.31
CA THR A 92 21.89 -0.60 9.36
C THR A 92 21.97 0.26 10.61
N SER A 93 22.84 1.27 10.63
CA SER A 93 23.00 2.09 11.81
C SER A 93 21.74 2.88 12.09
N GLN A 94 21.53 3.20 13.37
CA GLN A 94 20.38 4.00 13.77
C GLN A 94 20.43 5.36 13.12
N MET A 95 19.28 5.80 12.60
CA MET A 95 19.14 7.13 12.04
C MET A 95 18.93 8.12 13.18
N SER A 96 19.34 9.36 12.96
CA SER A 96 19.21 10.36 14.02
C SER A 96 17.82 10.99 14.00
N MET A 97 17.28 11.24 15.21
CA MET A 97 15.93 11.78 15.35
C MET A 97 15.68 13.02 14.49
N GLU A 98 16.71 13.84 14.23
CA GLU A 98 16.52 15.01 13.39
C GLU A 98 16.13 14.59 11.98
N GLU A 99 16.93 13.72 11.35
CA GLU A 99 16.61 13.26 10.01
C GLU A 99 15.36 12.38 10.00
N ALA A 100 15.13 11.60 11.06
CA ALA A 100 13.94 10.74 11.09
C ALA A 100 12.66 11.56 11.18
N CYS A 101 12.68 12.65 11.96
CA CYS A 101 11.51 13.52 12.04
C CYS A 101 11.37 14.41 10.83
N TYR A 102 12.48 14.96 10.35
CA TYR A 102 12.44 16.06 9.40
C TYR A 102 12.92 15.66 8.01
N GLY A 103 13.34 14.42 7.84
CA GLY A 103 13.55 13.89 6.51
C GLY A 103 14.96 14.05 6.01
N THR A 104 15.21 13.44 4.86
CA THR A 104 16.46 13.53 4.11
C THR A 104 16.10 13.61 2.64
N GLU A 105 17.11 13.54 1.76
CA GLU A 105 16.86 13.64 0.33
C GLU A 105 16.13 12.43 -0.25
N ASN A 106 15.98 11.34 0.51
CA ASN A 106 15.31 10.17 -0.04
C ASN A 106 14.29 9.59 0.93
N LEU A 107 13.77 10.43 1.82
CA LEU A 107 12.79 9.99 2.80
C LEU A 107 12.08 11.24 3.30
N GLU A 108 10.85 11.45 2.83
CA GLU A 108 10.08 12.61 3.25
C GLU A 108 9.91 12.59 4.77
N ALA A 109 9.66 13.79 5.33
CA ALA A 109 9.50 13.99 6.75
C ALA A 109 8.13 13.53 7.21
N ILE A 110 8.01 13.37 8.54
CA ILE A 110 6.73 13.04 9.14
C ILE A 110 5.68 14.02 8.70
N ASP A 111 4.54 13.50 8.25
CA ASP A 111 3.41 14.33 7.82
C ASP A 111 2.84 15.04 9.04
N LEU A 112 2.80 16.37 8.98
CA LEU A 112 2.23 17.15 10.09
C LEU A 112 0.80 17.61 9.82
N HIS A 113 0.27 17.36 8.63
CA HIS A 113 -1.15 17.57 8.36
C HIS A 113 -2.00 16.38 8.79
N THR A 114 -1.40 15.33 9.35
CA THR A 114 -2.14 14.17 9.81
C THR A 114 -1.94 14.00 11.30
N SER A 115 -2.76 13.11 11.88
CA SER A 115 -2.85 12.91 13.31
C SER A 115 -1.52 12.42 13.91
N ALA A 116 -1.46 12.45 15.24
CA ALA A 116 -0.35 11.89 15.99
C ALA A 116 -0.73 10.62 16.74
N GLY A 117 -1.96 10.13 16.58
CA GLY A 117 -2.32 8.83 17.12
C GLY A 117 -2.37 8.82 18.63
N TYR A 118 -2.52 7.61 19.18
CA TYR A 118 -2.65 7.44 20.63
C TYR A 118 -1.39 7.88 21.37
N PRO A 119 -1.54 8.62 22.48
CA PRO A 119 -2.78 9.14 23.08
C PRO A 119 -3.10 10.56 22.64
N TYR A 120 -2.18 11.17 21.90
CA TYR A 120 -2.33 12.57 21.49
C TYR A 120 -3.68 12.86 20.88
N SER A 121 -4.13 12.00 19.97
CA SER A 121 -5.46 12.10 19.42
C SER A 121 -6.50 12.44 20.49
N ALA A 122 -6.49 11.70 21.60
CA ALA A 122 -7.44 11.94 22.67
C ALA A 122 -7.06 13.10 23.58
N LEU A 123 -5.79 13.48 23.62
CA LEU A 123 -5.35 14.59 24.45
C LEU A 123 -5.45 15.94 23.75
N GLY A 124 -5.95 15.98 22.50
CA GLY A 124 -6.07 17.21 21.72
C GLY A 124 -4.79 17.70 21.10
N ILE A 125 -3.66 17.13 21.48
CA ILE A 125 -2.35 17.57 21.01
C ILE A 125 -2.12 17.08 19.58
N LYS A 126 -1.48 17.91 18.76
CA LYS A 126 -1.29 17.68 17.34
C LYS A 126 0.20 17.62 17.01
N LYS A 127 0.52 17.03 15.85
CA LYS A 127 1.92 16.82 15.52
C LYS A 127 2.69 18.14 15.43
N ARG A 128 2.06 19.20 14.88
CA ARG A 128 2.70 20.51 14.79
C ARG A 128 3.03 21.12 16.15
N ASP A 129 2.44 20.62 17.24
CA ASP A 129 2.81 21.10 18.56
C ASP A 129 4.11 20.48 19.07
N ILE A 130 4.62 19.44 18.44
CA ILE A 130 5.83 18.79 18.91
C ILE A 130 7.02 19.06 18.00
N LEU A 131 6.80 19.23 16.69
CA LEU A 131 7.87 19.35 15.71
C LEU A 131 7.62 20.61 14.89
N ASP A 132 8.67 21.40 14.65
CA ASP A 132 8.58 22.54 13.74
C ASP A 132 9.56 22.34 12.58
N SER A 133 9.08 22.60 11.36
CA SER A 133 9.96 22.41 10.21
C SER A 133 11.17 23.35 10.28
N THR A 134 10.95 24.58 10.77
CA THR A 134 11.98 25.61 10.66
C THR A 134 13.14 25.38 11.64
N THR A 135 12.86 25.17 12.92
CA THR A 135 13.97 24.95 13.84
C THR A 135 14.55 23.55 13.66
N ARG A 136 13.72 22.58 13.22
CA ARG A 136 14.09 21.17 13.18
C ARG A 136 14.50 20.69 14.57
N ASP A 137 13.75 21.14 15.56
CA ASP A 137 14.00 20.77 16.95
C ASP A 137 13.50 19.35 17.19
N VAL A 138 14.25 18.60 17.98
CA VAL A 138 13.82 17.28 18.42
C VAL A 138 13.61 17.19 19.92
N SER A 139 14.00 18.22 20.67
CA SER A 139 13.86 18.22 22.13
C SER A 139 12.40 18.01 22.54
N LYS A 140 11.47 18.71 21.89
CA LYS A 140 10.07 18.54 22.22
C LYS A 140 9.65 17.09 22.02
N MET A 141 10.20 16.44 20.98
CA MET A 141 9.83 15.05 20.69
C MET A 141 10.58 14.10 21.62
N LYS A 142 11.89 14.28 21.76
CA LYS A 142 12.68 13.45 22.68
C LYS A 142 12.03 13.41 24.05
N PHE A 143 11.48 14.54 24.51
CA PHE A 143 10.79 14.58 25.78
C PHE A 143 9.56 13.68 25.77
N TYR A 144 8.67 13.88 24.80
CA TYR A 144 7.39 13.17 24.81
C TYR A 144 7.56 11.67 24.72
N MET A 145 8.51 11.20 23.91
CA MET A 145 8.76 9.76 23.83
C MET A 145 9.17 9.21 25.19
N ASP A 146 10.16 9.85 25.83
CA ASP A 146 10.53 9.45 27.18
C ASP A 146 9.30 9.31 28.07
N LYS A 147 8.27 10.12 27.82
CA LYS A 147 7.17 10.18 28.76
C LYS A 147 6.11 9.11 28.48
N TYR A 148 5.76 8.86 27.20
CA TYR A 148 4.79 7.81 26.90
C TYR A 148 5.42 6.50 26.48
N GLY A 149 6.70 6.48 26.11
CA GLY A 149 7.32 5.24 25.69
C GLY A 149 6.77 4.73 24.38
N LEU A 150 7.25 3.56 23.98
CA LEU A 150 6.93 2.94 22.71
C LEU A 150 5.92 1.80 22.91
N ASP A 151 5.68 1.03 21.84
CA ASP A 151 4.63 0.01 21.82
C ASP A 151 3.27 0.63 22.16
N LEU A 152 3.04 1.83 21.65
CA LEU A 152 1.76 2.47 21.93
C LEU A 152 0.68 1.90 21.03
N PRO A 153 -0.53 1.72 21.55
CA PRO A 153 -1.59 1.10 20.75
C PRO A 153 -1.94 1.90 19.52
N TYR A 154 -2.33 1.19 18.47
CA TYR A 154 -2.82 1.80 17.26
C TYR A 154 -4.27 2.21 17.44
N SER A 155 -4.65 3.28 16.74
CA SER A 155 -6.02 3.78 16.79
C SER A 155 -6.73 3.41 15.49
N THR A 156 -7.85 2.74 15.60
CA THR A 156 -8.52 2.14 14.45
C THR A 156 -9.61 3.07 13.92
N TYR A 157 -9.51 3.39 12.63
CA TYR A 157 -10.51 4.18 11.91
C TYR A 157 -10.96 3.42 10.67
N VAL A 158 -12.13 3.78 10.15
CA VAL A 158 -12.60 3.30 8.85
C VAL A 158 -12.31 4.36 7.81
N LYS A 159 -11.91 3.94 6.61
CA LYS A 159 -11.42 4.88 5.61
C LYS A 159 -12.54 5.38 4.72
N ASP A 160 -12.64 6.71 4.61
CA ASP A 160 -13.61 7.40 3.76
C ASP A 160 -13.11 7.41 2.32
N GLU A 161 -13.75 6.63 1.45
CA GLU A 161 -13.25 6.44 0.09
C GLU A 161 -14.31 5.78 -0.76
N LEU A 162 -14.24 6.01 -2.07
CA LEU A 162 -15.14 5.33 -2.98
C LEU A 162 -14.82 3.84 -3.02
N ARG A 163 -15.84 3.01 -2.94
CA ARG A 163 -15.65 1.59 -3.03
C ARG A 163 -16.71 1.00 -3.94
N SER A 164 -16.42 -0.21 -4.41
CA SER A 164 -17.41 -1.01 -5.14
C SER A 164 -18.72 -1.08 -4.35
N ILE A 165 -19.82 -1.24 -5.07
CA ILE A 165 -21.10 -1.39 -4.41
C ILE A 165 -21.23 -2.77 -3.77
N ASP A 166 -20.57 -3.79 -4.35
CA ASP A 166 -20.51 -5.08 -3.66
C ASP A 166 -19.98 -4.89 -2.24
N LYS A 167 -18.90 -4.11 -2.11
CA LYS A 167 -18.29 -3.88 -0.81
C LYS A 167 -19.06 -2.87 0.04
N ILE A 168 -19.95 -2.06 -0.55
CA ILE A 168 -20.86 -1.25 0.25
C ILE A 168 -21.94 -2.12 0.84
N LYS A 169 -22.52 -3.00 0.03
CA LYS A 169 -23.55 -3.92 0.50
C LYS A 169 -23.00 -4.88 1.53
N LYS A 170 -21.83 -5.48 1.27
CA LYS A 170 -21.24 -6.45 2.19
C LYS A 170 -20.43 -5.81 3.32
N GLY A 171 -20.56 -4.50 3.54
CA GLY A 171 -19.92 -3.83 4.66
C GLY A 171 -18.41 -3.91 4.74
N LYS A 172 -17.75 -4.27 3.64
CA LYS A 172 -16.30 -4.50 3.66
C LYS A 172 -15.57 -3.21 3.33
N SER A 173 -15.62 -2.28 4.29
CA SER A 173 -14.87 -1.05 4.24
C SER A 173 -13.47 -1.27 4.82
N ARG A 174 -12.57 -0.37 4.49
CA ARG A 174 -11.18 -0.58 4.87
C ARG A 174 -10.89 -0.01 6.25
N LEU A 175 -10.17 -0.79 7.03
CA LEU A 175 -9.68 -0.40 8.34
C LEU A 175 -8.23 0.06 8.23
N ILE A 176 -7.92 1.17 8.88
CA ILE A 176 -6.55 1.67 8.94
C ILE A 176 -6.18 1.82 10.41
N GLU A 177 -4.91 1.59 10.71
CA GLU A 177 -4.41 1.67 12.09
C GLU A 177 -3.56 2.93 12.20
N ALA A 178 -4.02 3.90 12.99
CA ALA A 178 -3.28 5.15 13.14
C ALA A 178 -2.11 4.91 14.09
N SER A 179 -0.90 5.07 13.57
CA SER A 179 0.27 4.89 14.41
C SER A 179 0.37 6.02 15.43
N SER A 180 0.91 5.68 16.59
CA SER A 180 1.36 6.70 17.50
C SER A 180 2.66 7.29 16.98
N LEU A 181 2.74 8.62 16.99
CA LEU A 181 3.93 9.32 16.54
C LEU A 181 5.20 8.77 17.15
N ASN A 182 5.11 8.33 18.42
CA ASN A 182 6.27 7.73 19.06
C ASN A 182 6.72 6.47 18.32
N ASP A 183 5.78 5.56 18.05
CA ASP A 183 6.15 4.34 17.34
C ASP A 183 6.68 4.68 15.95
N SER A 184 6.07 5.67 15.29
CA SER A 184 6.48 6.04 13.94
C SER A 184 7.92 6.54 13.90
N VAL A 185 8.28 7.46 14.81
CA VAL A 185 9.62 8.01 14.74
C VAL A 185 10.66 6.98 15.21
N TYR A 186 10.28 6.04 16.08
CA TYR A 186 11.25 5.03 16.48
C TYR A 186 11.52 4.08 15.33
N LEU A 187 10.48 3.67 14.62
CA LEU A 187 10.68 2.83 13.44
C LEU A 187 11.54 3.55 12.40
N ARG A 188 11.31 4.85 12.22
CA ARG A 188 12.12 5.58 11.25
C ARG A 188 13.59 5.65 11.70
N MET A 189 13.83 5.83 13.00
CA MET A 189 15.22 5.82 13.48
C MET A 189 15.86 4.46 13.27
N THR A 190 15.11 3.38 13.51
CA THR A 190 15.68 2.05 13.36
C THR A 190 15.88 1.70 11.89
N PHE A 191 14.93 2.07 11.01
CA PHE A 191 14.94 1.59 9.64
C PHE A 191 14.99 2.72 8.61
N GLY A 192 15.36 3.93 9.02
CA GLY A 192 15.42 5.03 8.06
C GLY A 192 16.26 4.72 6.84
N HIS A 193 17.48 4.20 7.05
CA HIS A 193 18.39 4.01 5.92
C HIS A 193 17.91 2.90 4.98
N LEU A 194 17.15 1.93 5.49
CA LEU A 194 16.58 0.91 4.60
C LEU A 194 15.46 1.49 3.76
N TYR A 195 14.59 2.31 4.38
CA TYR A 195 13.57 3.05 3.62
C TYR A 195 14.21 3.87 2.52
N GLU A 196 15.22 4.66 2.88
CA GLU A 196 15.96 5.45 1.90
C GLU A 196 16.44 4.58 0.75
N THR A 197 17.05 3.44 1.06
CA THR A 197 17.60 2.61 -0.01
C THR A 197 16.50 2.06 -0.90
N PHE A 198 15.37 1.67 -0.29
CA PHE A 198 14.28 1.17 -1.10
C PHE A 198 13.70 2.25 -2.00
N HIS A 199 13.42 3.43 -1.44
CA HIS A 199 12.85 4.51 -2.25
C HIS A 199 13.74 4.86 -3.44
N ALA A 200 15.06 4.76 -3.28
CA ALA A 200 15.99 5.11 -4.36
C ALA A 200 16.33 3.96 -5.29
N ASN A 201 15.83 2.73 -5.05
CA ASN A 201 16.09 1.66 -6.01
C ASN A 201 14.87 0.82 -6.31
N PRO A 202 13.78 1.41 -6.80
CA PRO A 202 12.68 0.59 -7.30
C PRO A 202 13.20 -0.36 -8.37
N GLY A 203 12.71 -1.57 -8.36
CA GLY A 203 13.13 -2.51 -9.36
C GLY A 203 13.30 -3.89 -8.77
N THR A 204 13.90 -4.74 -9.57
CA THR A 204 14.01 -6.16 -9.31
C THR A 204 15.13 -6.53 -8.32
N VAL A 205 15.88 -5.58 -7.79
CA VAL A 205 16.89 -5.87 -6.76
C VAL A 205 16.31 -5.71 -5.36
N THR A 206 15.68 -4.56 -5.08
CA THR A 206 14.77 -4.50 -3.96
C THR A 206 13.58 -5.43 -4.15
N GLY A 207 13.29 -5.84 -5.39
CA GLY A 207 12.00 -6.46 -5.60
C GLY A 207 10.83 -5.58 -5.19
N SER A 208 10.98 -4.26 -5.29
CA SER A 208 9.96 -3.32 -4.87
C SER A 208 9.82 -2.19 -5.88
N ALA A 209 8.61 -1.65 -5.99
CA ALA A 209 8.35 -0.50 -6.84
C ALA A 209 8.04 0.75 -6.05
N VAL A 210 8.15 0.70 -4.72
CA VAL A 210 7.96 1.94 -3.98
C VAL A 210 9.03 2.93 -4.42
N GLY A 211 8.62 4.17 -4.65
CA GLY A 211 9.49 5.18 -5.20
C GLY A 211 9.52 5.24 -6.71
N CYS A 212 8.85 4.34 -7.43
CA CYS A 212 8.87 4.39 -8.89
C CYS A 212 7.92 5.48 -9.39
N ASN A 213 8.20 5.96 -10.62
CA ASN A 213 7.30 6.86 -11.36
C ASN A 213 6.76 6.10 -12.55
N PRO A 214 5.47 5.82 -12.61
CA PRO A 214 4.98 4.93 -13.67
C PRO A 214 5.30 5.44 -15.07
N ASP A 215 5.37 6.76 -15.25
CA ASP A 215 5.63 7.34 -16.56
C ASP A 215 6.95 6.86 -17.16
N THR A 216 7.98 6.70 -16.34
CA THR A 216 9.26 6.22 -16.82
C THR A 216 9.55 4.76 -16.48
N PHE A 217 9.06 4.28 -15.32
CA PHE A 217 9.31 2.91 -14.89
C PHE A 217 8.71 1.89 -15.85
N TRP A 218 7.54 2.20 -16.43
CA TRP A 218 6.88 1.25 -17.29
C TRP A 218 7.73 0.86 -18.50
N SER A 219 8.60 1.77 -18.97
CA SER A 219 9.40 1.44 -20.14
C SER A 219 10.50 0.46 -19.79
N LYS A 220 10.90 0.41 -18.52
CA LYS A 220 11.90 -0.52 -18.03
C LYS A 220 11.35 -1.88 -17.65
N LEU A 221 10.10 -1.94 -17.19
CA LEU A 221 9.55 -3.21 -16.70
C LEU A 221 9.74 -4.35 -17.68
N PRO A 222 9.44 -4.22 -18.98
CA PRO A 222 9.66 -5.36 -19.88
C PRO A 222 11.10 -5.83 -19.93
N ILE A 223 12.06 -4.95 -19.64
CA ILE A 223 13.45 -5.34 -19.59
C ILE A 223 13.77 -5.94 -18.22
N LEU A 224 13.14 -5.47 -17.15
CA LEU A 224 13.51 -6.04 -15.85
C LEU A 224 12.82 -7.37 -15.63
N LEU A 225 11.70 -7.61 -16.32
CA LEU A 225 10.93 -8.85 -16.22
C LEU A 225 10.90 -9.54 -17.58
N PRO A 226 12.03 -10.06 -18.04
CA PRO A 226 12.03 -10.89 -19.26
C PRO A 226 11.33 -12.21 -19.02
N GLY A 227 10.96 -12.85 -20.12
CA GLY A 227 10.37 -14.17 -20.04
C GLY A 227 8.86 -14.08 -19.96
N SER A 228 8.25 -15.14 -19.44
CA SER A 228 6.81 -15.20 -19.33
C SER A 228 6.38 -14.64 -17.98
N LEU A 229 5.35 -13.82 -18.00
CA LEU A 229 4.90 -13.12 -16.80
C LEU A 229 3.86 -13.90 -16.03
N PHE A 230 3.80 -13.60 -14.74
CA PHE A 230 2.65 -13.91 -13.94
C PHE A 230 2.46 -12.78 -12.94
N ALA A 231 1.34 -12.80 -12.22
CA ALA A 231 0.91 -11.62 -11.46
C ALA A 231 -0.20 -12.01 -10.50
N PHE A 232 -0.23 -11.32 -9.36
CA PHE A 232 -1.21 -11.63 -8.32
C PHE A 232 -1.76 -10.37 -7.70
N ASP A 233 -2.93 -10.51 -7.11
CA ASP A 233 -3.31 -9.70 -5.98
C ASP A 233 -3.66 -10.64 -4.84
N TYR A 234 -3.66 -10.11 -3.63
CA TYR A 234 -4.07 -10.88 -2.48
C TYR A 234 -5.39 -10.35 -1.98
N SER A 235 -6.24 -11.26 -1.54
CA SER A 235 -7.47 -10.86 -0.89
C SER A 235 -7.18 -10.66 0.59
N GLY A 236 -7.36 -9.44 1.07
CA GLY A 236 -7.14 -9.13 2.47
C GLY A 236 -5.72 -9.35 2.95
N TYR A 237 -4.75 -8.81 2.20
CA TYR A 237 -3.34 -9.16 2.37
C TYR A 237 -2.85 -8.94 3.80
N ASP A 238 -3.09 -7.73 4.34
CA ASP A 238 -2.46 -7.37 5.61
C ASP A 238 -2.89 -8.30 6.73
N ALA A 239 -4.20 -8.53 6.85
CA ALA A 239 -4.76 -9.40 7.89
C ALA A 239 -4.50 -10.87 7.63
N SER A 240 -4.20 -11.23 6.39
CA SER A 240 -4.04 -12.63 6.07
C SER A 240 -2.63 -13.14 6.39
N LEU A 241 -1.73 -12.27 6.85
CA LEU A 241 -0.34 -12.64 7.13
C LEU A 241 -0.26 -13.29 8.51
N SER A 242 0.00 -14.59 8.52
CA SER A 242 0.24 -15.32 9.75
C SER A 242 1.61 -14.96 10.33
N PRO A 243 1.82 -15.21 11.62
CA PRO A 243 3.07 -14.76 12.25
C PRO A 243 4.31 -15.35 11.63
N VAL A 244 4.19 -16.47 10.92
CA VAL A 244 5.37 -17.06 10.30
C VAL A 244 6.09 -16.03 9.43
N TRP A 245 5.34 -15.22 8.68
CA TRP A 245 5.99 -14.31 7.76
C TRP A 245 6.74 -13.20 8.49
N PHE A 246 6.34 -12.87 9.72
CA PHE A 246 7.14 -11.91 10.46
C PHE A 246 8.43 -12.55 10.97
N ARG A 247 8.37 -13.79 11.46
CA ARG A 247 9.60 -14.54 11.74
C ARG A 247 10.50 -14.58 10.50
N ALA A 248 9.92 -14.88 9.31
CA ALA A 248 10.73 -14.88 8.08
C ALA A 248 11.31 -13.51 7.77
N LEU A 249 10.59 -12.44 8.12
CA LEU A 249 11.15 -11.11 7.92
C LEU A 249 12.34 -10.88 8.85
N GLU A 250 12.26 -11.37 10.09
CA GLU A 250 13.42 -11.29 10.98
C GLU A 250 14.64 -11.96 10.38
N LEU A 251 14.45 -13.15 9.79
CA LEU A 251 15.54 -13.81 9.06
C LEU A 251 16.19 -12.88 8.05
N VAL A 252 15.39 -12.18 7.26
CA VAL A 252 15.97 -11.31 6.25
C VAL A 252 16.76 -10.17 6.91
N LEU A 253 16.21 -9.58 7.96
CA LEU A 253 16.83 -8.39 8.54
C LEU A 253 18.14 -8.73 9.25
N ARG A 254 18.17 -9.87 9.95
CA ARG A 254 19.42 -10.37 10.51
C ARG A 254 20.44 -10.59 9.40
N GLU A 255 20.05 -11.30 8.35
CA GLU A 255 21.00 -11.66 7.31
C GLU A 255 21.50 -10.48 6.50
N ILE A 256 20.87 -9.30 6.58
CA ILE A 256 21.47 -8.14 5.96
C ILE A 256 22.26 -7.32 6.98
N GLY A 257 22.09 -7.59 8.27
CA GLY A 257 23.01 -7.06 9.26
C GLY A 257 22.44 -6.12 10.28
N TYR A 258 21.20 -6.35 10.73
CA TYR A 258 20.62 -5.54 11.78
C TYR A 258 20.90 -6.17 13.15
N SER A 259 20.99 -5.31 14.15
CA SER A 259 21.38 -5.76 15.49
C SER A 259 20.21 -6.48 16.14
N GLU A 260 20.54 -7.31 17.14
CA GLU A 260 19.49 -8.00 17.90
C GLU A 260 18.50 -7.00 18.49
N GLU A 261 18.94 -5.77 18.76
CA GLU A 261 18.00 -4.76 19.25
C GLU A 261 16.99 -4.38 18.16
N ALA A 262 17.46 -4.26 16.92
CA ALA A 262 16.60 -3.79 15.83
C ALA A 262 15.56 -4.84 15.43
N VAL A 263 15.97 -6.11 15.29
CA VAL A 263 15.01 -7.12 14.89
C VAL A 263 13.94 -7.34 15.95
N SER A 264 14.20 -6.94 17.21
CA SER A 264 13.23 -7.13 18.29
C SER A 264 11.93 -6.37 18.04
N LEU A 265 11.99 -5.29 17.26
CA LEU A 265 10.77 -4.54 16.97
C LEU A 265 9.79 -5.32 16.10
N VAL A 266 10.26 -6.30 15.33
CA VAL A 266 9.37 -7.08 14.49
C VAL A 266 8.27 -7.75 15.32
N GLU A 267 8.61 -8.27 16.51
CA GLU A 267 7.55 -8.84 17.33
C GLU A 267 6.53 -7.77 17.73
N GLY A 268 6.98 -6.54 17.97
CA GLY A 268 6.02 -5.48 18.16
C GLY A 268 5.10 -5.24 16.98
N ILE A 269 5.44 -5.73 15.80
CA ILE A 269 4.53 -5.58 14.68
C ILE A 269 3.64 -6.80 14.53
N ASN A 270 4.20 -7.98 14.74
CA ASN A 270 3.44 -9.20 14.66
C ASN A 270 2.37 -9.28 15.74
N HIS A 271 2.56 -8.55 16.84
CA HIS A 271 1.69 -8.65 18.01
C HIS A 271 1.32 -7.23 18.43
N THR A 272 0.13 -6.78 18.07
CA THR A 272 -0.23 -5.37 18.24
C THR A 272 -1.53 -5.22 18.99
N HIS A 273 -1.69 -4.04 19.55
CA HIS A 273 -2.85 -3.66 20.32
C HIS A 273 -3.51 -2.45 19.66
N HIS A 274 -4.83 -2.43 19.69
CA HIS A 274 -5.60 -1.46 18.94
C HIS A 274 -6.77 -1.01 19.79
N VAL A 275 -7.10 0.28 19.67
CA VAL A 275 -8.32 0.81 20.24
C VAL A 275 -9.26 1.15 19.09
N TYR A 276 -10.52 0.76 19.23
CA TYR A 276 -11.56 1.10 18.27
C TYR A 276 -12.81 1.44 19.06
N ARG A 277 -13.24 2.71 18.99
CA ARG A 277 -14.33 3.23 19.81
C ARG A 277 -13.99 3.10 21.29
N ASN A 278 -14.69 2.22 22.01
CA ASN A 278 -14.53 2.10 23.45
C ASN A 278 -13.89 0.77 23.85
N LYS A 279 -13.24 0.06 22.94
CA LYS A 279 -12.69 -1.25 23.23
C LYS A 279 -11.23 -1.30 22.81
N THR A 280 -10.46 -2.15 23.49
CA THR A 280 -9.11 -2.52 23.08
C THR A 280 -9.13 -3.97 22.58
N TYR A 281 -8.28 -4.27 21.61
CA TYR A 281 -8.19 -5.65 21.15
C TYR A 281 -6.78 -5.94 20.67
N CYS A 282 -6.40 -7.20 20.81
CA CYS A 282 -5.04 -7.65 20.55
C CYS A 282 -5.07 -8.47 19.27
N VAL A 283 -4.17 -8.17 18.36
CA VAL A 283 -4.10 -8.90 17.10
C VAL A 283 -2.76 -9.62 17.05
N LEU A 284 -2.80 -10.90 16.79
CA LEU A 284 -1.58 -11.67 16.57
C LEU A 284 -1.49 -12.00 15.09
N GLY A 285 -0.31 -11.79 14.53
CA GLY A 285 -0.15 -11.85 13.10
C GLY A 285 -0.78 -10.61 12.46
N GLY A 286 -0.70 -10.56 11.15
CA GLY A 286 -1.31 -9.44 10.45
C GLY A 286 -0.50 -8.17 10.53
N MET A 287 -0.29 -7.54 9.40
CA MET A 287 0.45 -6.29 9.36
C MET A 287 -0.47 -5.15 9.77
N PRO A 288 -0.07 -4.30 10.71
CA PRO A 288 -0.93 -3.15 11.07
C PRO A 288 -0.79 -2.02 10.07
N SER A 289 -1.65 -2.00 9.05
CA SER A 289 -1.49 -1.08 7.92
C SER A 289 -1.76 0.34 8.37
N GLY A 290 -0.71 1.14 8.48
CA GLY A 290 -0.80 2.47 9.05
C GLY A 290 0.43 2.77 9.88
N MET A 291 1.22 1.73 10.10
CA MET A 291 2.53 1.87 10.73
C MET A 291 3.53 2.50 9.76
N SER A 292 4.62 3.00 10.35
CA SER A 292 5.74 3.43 9.55
C SER A 292 6.33 2.23 8.79
N GLY A 293 6.61 2.44 7.51
CA GLY A 293 7.15 1.38 6.69
C GLY A 293 6.19 0.31 6.27
N THR A 294 4.87 0.58 6.33
CA THR A 294 3.90 -0.39 5.86
C THR A 294 4.23 -0.89 4.44
N SER A 295 4.32 0.04 3.48
CA SER A 295 4.53 -0.37 2.10
C SER A 295 5.81 -1.17 1.94
N ILE A 296 6.89 -0.72 2.59
CA ILE A 296 8.18 -1.37 2.41
C ILE A 296 8.15 -2.77 3.00
N PHE A 297 7.49 -2.95 4.13
CA PHE A 297 7.52 -4.26 4.75
C PHE A 297 6.57 -5.22 4.05
N ASN A 298 5.39 -4.74 3.66
CA ASN A 298 4.48 -5.51 2.82
C ASN A 298 5.19 -6.02 1.58
N SER A 299 5.99 -5.15 0.96
CA SER A 299 6.69 -5.54 -0.25
C SER A 299 7.76 -6.58 0.05
N MET A 300 8.46 -6.45 1.17
CA MET A 300 9.51 -7.40 1.49
C MET A 300 8.92 -8.76 1.82
N ILE A 301 7.88 -8.78 2.66
CA ILE A 301 7.23 -10.05 2.95
C ILE A 301 6.73 -10.71 1.66
N ASN A 302 6.32 -9.91 0.68
CA ASN A 302 5.81 -10.48 -0.55
C ASN A 302 6.92 -11.17 -1.32
N ASN A 303 8.12 -10.58 -1.31
CA ASN A 303 9.24 -11.22 -1.99
C ASN A 303 9.56 -12.57 -1.35
N ILE A 304 9.44 -12.66 -0.02
CA ILE A 304 9.58 -13.94 0.66
C ILE A 304 8.48 -14.91 0.24
N ILE A 305 7.23 -14.45 0.25
CA ILE A 305 6.09 -15.32 -0.04
C ILE A 305 6.24 -15.95 -1.42
N ILE A 306 6.46 -15.15 -2.46
CA ILE A 306 6.47 -15.68 -3.81
C ILE A 306 7.56 -16.73 -3.96
N ARG A 307 8.78 -16.39 -3.51
CA ARG A 307 9.87 -17.35 -3.53
C ARG A 307 9.48 -18.65 -2.84
N ALA A 308 8.86 -18.53 -1.66
CA ALA A 308 8.58 -19.69 -0.84
C ALA A 308 7.53 -20.57 -1.52
N LEU A 309 6.55 -19.95 -2.18
CA LEU A 309 5.54 -20.74 -2.88
C LEU A 309 6.11 -21.42 -4.12
N LEU A 310 7.07 -20.79 -4.80
CA LEU A 310 7.60 -21.42 -6.02
C LEU A 310 8.31 -22.71 -5.67
N ILE A 311 9.29 -22.65 -4.77
CA ILE A 311 10.12 -23.82 -4.49
C ILE A 311 9.34 -24.89 -3.74
N LYS A 312 8.23 -24.52 -3.10
CA LYS A 312 7.39 -25.52 -2.46
C LYS A 312 6.43 -26.18 -3.43
N THR A 313 6.05 -25.47 -4.50
CA THR A 313 4.98 -25.92 -5.38
C THR A 313 5.51 -26.67 -6.58
N PHE A 314 6.70 -26.30 -7.07
CA PHE A 314 7.27 -26.85 -8.29
C PHE A 314 8.67 -27.40 -8.03
N LYS A 315 8.91 -28.61 -8.51
CA LYS A 315 10.25 -29.14 -8.52
C LYS A 315 11.08 -28.38 -9.53
N GLY A 316 12.38 -28.31 -9.28
CA GLY A 316 13.31 -27.75 -10.25
C GLY A 316 13.26 -26.25 -10.42
N ILE A 317 12.51 -25.54 -9.56
CA ILE A 317 12.52 -24.09 -9.60
C ILE A 317 13.93 -23.59 -9.33
N ASP A 318 14.35 -22.57 -10.07
CA ASP A 318 15.61 -21.90 -9.79
C ASP A 318 15.31 -20.42 -9.46
N LEU A 319 15.38 -20.08 -8.17
CA LEU A 319 15.02 -18.73 -7.71
C LEU A 319 15.92 -17.64 -8.30
N ASP A 320 17.02 -17.98 -8.95
CA ASP A 320 17.85 -16.94 -9.53
C ASP A 320 17.34 -16.44 -10.87
N GLU A 321 16.51 -17.23 -11.54
CA GLU A 321 15.91 -16.80 -12.79
C GLU A 321 14.57 -16.12 -12.56
N LEU A 322 14.18 -15.94 -11.30
CA LEU A 322 12.99 -15.19 -10.94
C LEU A 322 13.30 -13.70 -10.89
N ASN A 323 12.54 -12.90 -11.61
CA ASN A 323 12.49 -11.46 -11.40
C ASN A 323 11.09 -11.07 -10.95
N MET A 324 11.00 -10.22 -9.94
CA MET A 324 9.72 -9.69 -9.54
C MET A 324 9.90 -8.28 -8.99
N VAL A 325 8.84 -7.48 -9.09
CA VAL A 325 8.69 -6.28 -8.28
C VAL A 325 7.36 -6.40 -7.56
N ALA A 326 7.33 -5.94 -6.32
CA ALA A 326 6.13 -5.88 -5.52
C ALA A 326 5.89 -4.43 -5.12
N TYR A 327 4.64 -4.02 -5.12
CA TYR A 327 4.26 -2.79 -4.44
C TYR A 327 3.18 -3.20 -3.43
N GLY A 328 3.61 -3.48 -2.20
CA GLY A 328 2.67 -4.00 -1.24
C GLY A 328 2.30 -5.41 -1.66
N ASP A 329 1.02 -5.68 -1.90
CA ASP A 329 0.65 -7.01 -2.30
C ASP A 329 0.55 -7.19 -3.81
N ASP A 330 0.64 -6.11 -4.57
CA ASP A 330 0.64 -6.22 -6.02
C ASP A 330 1.96 -6.79 -6.51
N VAL A 331 1.87 -7.88 -7.29
CA VAL A 331 3.03 -8.59 -7.81
C VAL A 331 3.00 -8.49 -9.32
N LEU A 332 4.17 -8.25 -9.90
CA LEU A 332 4.41 -8.51 -11.32
C LEU A 332 5.77 -9.21 -11.40
N ALA A 333 5.80 -10.38 -12.03
CA ALA A 333 6.97 -11.25 -11.92
C ALA A 333 7.19 -11.98 -13.24
N SER A 334 8.38 -12.54 -13.38
CA SER A 334 8.63 -13.30 -14.60
C SER A 334 9.61 -14.42 -14.32
N TYR A 335 9.64 -15.36 -15.25
CA TYR A 335 10.36 -16.61 -15.14
C TYR A 335 10.54 -17.14 -16.56
N PRO A 336 11.62 -17.89 -16.81
CA PRO A 336 11.85 -18.35 -18.19
C PRO A 336 10.77 -19.29 -18.71
N PHE A 337 10.06 -19.95 -17.83
CA PHE A 337 8.99 -20.85 -18.24
C PHE A 337 7.67 -20.41 -17.62
N PRO A 338 6.55 -20.75 -18.24
CA PRO A 338 5.26 -20.40 -17.65
C PRO A 338 5.06 -21.03 -16.28
N ILE A 339 4.42 -20.26 -15.41
CA ILE A 339 4.13 -20.68 -14.04
C ILE A 339 2.62 -20.79 -13.91
N ASP A 340 2.15 -21.91 -13.36
CA ASP A 340 0.71 -22.14 -13.21
C ASP A 340 0.26 -21.49 -11.91
N CYS A 341 -0.24 -20.26 -12.01
CA CYS A 341 -0.61 -19.52 -10.80
C CYS A 341 -1.70 -20.21 -9.99
N LEU A 342 -2.55 -21.00 -10.66
CA LEU A 342 -3.54 -21.80 -9.95
C LEU A 342 -2.91 -22.69 -8.87
N GLU A 343 -1.70 -23.20 -9.13
CA GLU A 343 -1.03 -24.03 -8.13
C GLU A 343 -0.42 -23.20 -7.02
N LEU A 344 0.21 -22.07 -7.36
CA LEU A 344 0.74 -21.19 -6.32
C LEU A 344 -0.37 -20.76 -5.34
N ALA A 345 -1.58 -20.55 -5.86
CA ALA A 345 -2.68 -20.20 -4.97
C ALA A 345 -3.05 -21.36 -4.05
N ARG A 346 -3.16 -22.59 -4.58
CA ARG A 346 -3.41 -23.72 -3.70
C ARG A 346 -2.40 -23.74 -2.56
N THR A 347 -1.12 -23.55 -2.87
CA THR A 347 -0.12 -23.50 -1.81
C THR A 347 -0.39 -22.35 -0.84
N GLY A 348 -0.64 -21.15 -1.37
CA GLY A 348 -0.91 -20.01 -0.51
C GLY A 348 -2.02 -20.26 0.50
N LYS A 349 -3.12 -20.85 0.05
CA LYS A 349 -4.20 -21.12 0.99
C LYS A 349 -3.73 -22.01 2.13
N GLU A 350 -2.75 -22.89 1.89
CA GLU A 350 -2.23 -23.67 3.00
C GLU A 350 -1.61 -22.78 4.07
N TYR A 351 -0.94 -21.73 3.64
CA TYR A 351 -0.39 -20.74 4.57
C TYR A 351 -1.40 -19.68 4.99
N GLY A 352 -2.67 -19.80 4.61
CA GLY A 352 -3.64 -18.77 4.96
C GLY A 352 -3.67 -17.55 4.07
N LEU A 353 -3.20 -17.67 2.82
CA LEU A 353 -3.17 -16.57 1.87
C LEU A 353 -4.21 -16.80 0.77
N THR A 354 -4.90 -15.73 0.38
CA THR A 354 -5.95 -15.81 -0.63
C THR A 354 -5.42 -15.03 -1.84
N MET A 355 -4.77 -15.74 -2.73
CA MET A 355 -4.23 -15.18 -3.96
C MET A 355 -5.26 -15.17 -5.07
N THR A 356 -5.24 -14.12 -5.86
CA THR A 356 -6.24 -13.85 -6.88
C THR A 356 -5.53 -13.25 -8.09
N PRO A 357 -6.13 -13.32 -9.28
CA PRO A 357 -5.58 -12.55 -10.40
C PRO A 357 -5.52 -11.07 -10.06
N ALA A 358 -4.62 -10.36 -10.75
CA ALA A 358 -4.39 -8.94 -10.49
C ALA A 358 -5.69 -8.15 -10.54
N ASP A 359 -6.40 -8.23 -11.66
CA ASP A 359 -7.77 -7.76 -11.83
C ASP A 359 -8.81 -8.28 -10.83
N LYS A 360 -8.39 -9.15 -9.90
CA LYS A 360 -9.27 -9.83 -8.93
C LYS A 360 -10.38 -10.67 -9.58
N SER A 361 -10.24 -11.04 -10.87
CA SER A 361 -11.18 -11.89 -11.62
C SER A 361 -11.24 -13.33 -11.11
N PRO A 362 -12.22 -14.19 -11.61
CA PRO A 362 -12.46 -15.50 -10.95
C PRO A 362 -11.52 -16.60 -11.39
N CYS A 363 -10.93 -16.48 -12.58
CA CYS A 363 -10.01 -17.49 -13.09
C CYS A 363 -8.67 -16.87 -13.44
N PHE A 364 -7.61 -17.63 -13.26
CA PHE A 364 -6.30 -17.24 -13.77
C PHE A 364 -6.24 -17.50 -15.27
N ASN A 365 -5.56 -16.60 -15.99
CA ASN A 365 -5.31 -16.79 -17.41
C ASN A 365 -3.85 -16.43 -17.68
N GLU A 366 -3.44 -16.63 -18.94
CA GLU A 366 -2.06 -16.26 -19.28
C GLU A 366 -1.91 -14.75 -19.18
N VAL A 367 -0.74 -14.31 -18.74
CA VAL A 367 -0.43 -12.90 -18.53
C VAL A 367 0.71 -12.56 -19.47
N ASN A 368 0.50 -11.57 -20.33
CA ASN A 368 1.55 -11.03 -21.18
C ASN A 368 1.45 -9.51 -21.16
N TRP A 369 2.37 -8.85 -21.85
CA TRP A 369 2.43 -7.38 -21.77
C TRP A 369 1.17 -6.70 -22.29
N ASP A 370 0.39 -7.35 -23.15
CA ASP A 370 -0.78 -6.67 -23.69
C ASP A 370 -2.01 -6.79 -22.79
N ASN A 371 -2.03 -7.72 -21.83
CA ASN A 371 -3.11 -7.77 -20.85
C ASN A 371 -2.63 -7.58 -19.42
N ALA A 372 -1.35 -7.33 -19.18
CA ALA A 372 -0.85 -7.14 -17.83
C ALA A 372 -1.32 -5.81 -17.24
N THR A 373 -1.37 -5.77 -15.91
CA THR A 373 -1.65 -4.57 -15.13
C THR A 373 -0.80 -4.58 -13.87
N PHE A 374 -0.42 -3.40 -13.44
CA PHE A 374 0.35 -3.22 -12.23
C PHE A 374 -0.03 -1.83 -11.75
N LEU A 375 -0.38 -1.68 -10.47
CA LEU A 375 -0.88 -0.41 -9.92
C LEU A 375 -2.07 0.10 -10.71
N LYS A 376 -2.93 -0.83 -11.13
CA LYS A 376 -4.13 -0.56 -11.91
C LYS A 376 -3.83 -0.19 -13.37
N ARG A 377 -2.58 0.08 -13.73
CA ARG A 377 -2.31 0.56 -15.08
C ARG A 377 -1.88 -0.57 -16.02
N GLY A 378 -2.30 -0.48 -17.27
CA GLY A 378 -1.86 -1.40 -18.29
C GLY A 378 -0.54 -0.99 -18.91
N PHE A 379 -0.17 -1.71 -19.97
CA PHE A 379 1.07 -1.55 -20.70
C PHE A 379 0.71 -1.43 -22.17
N LEU A 380 0.99 -0.28 -22.75
CA LEU A 380 0.59 0.02 -24.11
C LEU A 380 1.79 0.68 -24.76
N PRO A 381 2.41 0.04 -25.76
CA PRO A 381 3.57 0.65 -26.42
C PRO A 381 3.11 1.81 -27.29
N ASP A 382 3.92 2.86 -27.26
CA ASP A 382 3.76 4.02 -28.12
C ASP A 382 3.67 3.62 -29.58
N GLU A 383 2.87 4.36 -30.34
CA GLU A 383 2.75 4.10 -31.76
C GLU A 383 4.05 4.45 -32.51
N GLN A 384 4.62 5.63 -32.26
CA GLN A 384 5.82 6.05 -32.99
C GLN A 384 7.07 5.35 -32.45
N PHE A 385 7.22 5.24 -31.13
CA PHE A 385 8.43 4.74 -30.51
C PHE A 385 8.15 3.50 -29.66
N PRO A 386 8.06 2.31 -30.27
CA PRO A 386 7.45 1.17 -29.57
C PRO A 386 8.23 0.68 -28.36
N PHE A 387 9.44 1.20 -28.12
CA PHE A 387 10.21 0.82 -26.94
C PHE A 387 9.83 1.64 -25.71
N LEU A 388 9.10 2.76 -25.90
CA LEU A 388 8.53 3.53 -24.80
C LEU A 388 7.14 2.99 -24.51
N ILE A 389 6.81 2.83 -23.23
CA ILE A 389 5.60 2.12 -22.84
C ILE A 389 4.72 3.07 -22.05
N HIS A 390 3.46 3.22 -22.49
CA HIS A 390 2.49 4.08 -21.77
C HIS A 390 1.91 3.33 -20.58
N PRO A 391 1.91 3.93 -19.37
CA PRO A 391 1.05 3.41 -18.29
C PRO A 391 -0.39 3.84 -18.52
N THR A 392 -1.27 2.87 -18.75
CA THR A 392 -2.65 3.19 -19.14
C THR A 392 -3.60 2.93 -17.99
N MET A 393 -3.97 4.00 -17.32
CA MET A 393 -5.09 3.95 -16.38
C MET A 393 -6.39 3.80 -17.18
N PRO A 394 -7.21 2.78 -16.89
CA PRO A 394 -8.45 2.61 -17.67
C PRO A 394 -9.41 3.76 -17.45
N MET A 395 -10.10 4.14 -18.52
CA MET A 395 -10.98 5.32 -18.46
C MET A 395 -12.09 5.16 -17.42
N LYS A 396 -12.52 3.92 -17.14
CA LYS A 396 -13.59 3.71 -16.18
C LYS A 396 -13.13 4.07 -14.77
N GLU A 397 -11.87 3.77 -14.45
CA GLU A 397 -11.38 4.16 -13.13
C GLU A 397 -11.21 5.67 -13.03
N ILE A 398 -10.94 6.35 -14.15
CA ILE A 398 -10.86 7.80 -14.15
C ILE A 398 -12.26 8.42 -14.02
N HIS A 399 -13.24 7.88 -14.76
CA HIS A 399 -14.61 8.35 -14.63
C HIS A 399 -15.15 8.24 -13.21
N GLU A 400 -14.72 7.23 -12.44
CA GLU A 400 -15.23 7.07 -11.09
C GLU A 400 -14.72 8.16 -10.16
N SER A 401 -13.43 8.53 -10.28
CA SER A 401 -12.89 9.60 -9.45
C SER A 401 -13.59 10.93 -9.76
N ILE A 402 -13.80 11.23 -11.04
CA ILE A 402 -14.27 12.58 -11.36
C ILE A 402 -15.72 12.80 -10.91
N ARG A 403 -16.48 11.73 -10.63
CA ARG A 403 -17.88 11.86 -10.22
C ARG A 403 -18.07 12.26 -8.78
N TRP A 404 -17.00 12.43 -8.00
CA TRP A 404 -17.14 12.72 -6.59
C TRP A 404 -16.11 13.75 -6.21
N THR A 405 -16.37 14.39 -5.08
CA THR A 405 -15.42 15.38 -4.59
C THR A 405 -15.52 15.39 -3.08
N LYS A 406 -14.45 15.81 -2.45
CA LYS A 406 -14.45 16.08 -1.04
C LYS A 406 -14.51 17.57 -0.74
N ASP A 407 -14.20 18.41 -1.74
CA ASP A 407 -14.29 19.85 -1.69
C ASP A 407 -14.27 20.40 -3.10
N ALA A 408 -15.41 20.94 -3.56
CA ALA A 408 -15.51 21.53 -4.90
C ALA A 408 -14.55 22.69 -5.13
N ARG A 409 -13.95 23.26 -4.09
CA ARG A 409 -12.92 24.28 -4.29
C ARG A 409 -11.72 23.80 -5.13
N ASN A 410 -11.46 22.49 -5.17
CA ASN A 410 -10.28 21.95 -5.85
C ASN A 410 -10.61 21.34 -7.20
N THR A 411 -11.81 21.58 -7.72
CA THR A 411 -12.24 20.94 -8.97
C THR A 411 -11.15 20.98 -10.04
N GLN A 412 -10.53 22.13 -10.24
CA GLN A 412 -9.57 22.23 -11.33
C GLN A 412 -8.32 21.40 -11.03
N ASP A 413 -7.81 21.47 -9.79
CA ASP A 413 -6.72 20.57 -9.43
C ASP A 413 -7.09 19.13 -9.71
N HIS A 414 -8.32 18.75 -9.38
CA HIS A 414 -8.73 17.37 -9.52
C HIS A 414 -8.73 16.94 -10.99
N VAL A 415 -9.49 17.66 -11.83
CA VAL A 415 -9.62 17.29 -13.23
C VAL A 415 -8.26 17.28 -13.93
N ARG A 416 -7.43 18.27 -13.61
CA ARG A 416 -6.09 18.30 -14.19
C ARG A 416 -5.32 17.02 -13.84
N SER A 417 -5.29 16.66 -12.54
CA SER A 417 -4.64 15.42 -12.14
C SER A 417 -5.16 14.22 -12.92
N LEU A 418 -6.48 14.14 -13.11
CA LEU A 418 -7.06 13.03 -13.85
C LEU A 418 -6.67 13.07 -15.32
N CYS A 419 -6.62 14.26 -15.93
CA CYS A 419 -6.18 14.36 -17.31
C CYS A 419 -4.77 13.81 -17.50
N LEU A 420 -3.88 14.05 -16.54
CA LEU A 420 -2.54 13.51 -16.64
C LEU A 420 -2.52 11.99 -16.57
N LEU A 421 -3.54 11.36 -16.01
CA LEU A 421 -3.64 9.91 -16.15
C LEU A 421 -4.23 9.53 -17.50
N ALA A 422 -5.26 10.27 -17.95
CA ALA A 422 -6.11 9.83 -19.04
C ALA A 422 -5.39 9.76 -20.38
N TRP A 423 -4.51 10.74 -20.67
CA TRP A 423 -4.02 10.92 -22.04
C TRP A 423 -3.20 9.74 -22.54
N HIS A 424 -2.63 8.93 -21.64
CA HIS A 424 -1.95 7.70 -22.04
C HIS A 424 -2.87 6.72 -22.74
N ASN A 425 -4.17 6.88 -22.64
CA ASN A 425 -5.09 6.04 -23.40
C ASN A 425 -5.21 6.49 -24.87
N GLY A 426 -4.48 7.52 -25.28
CA GLY A 426 -4.45 7.94 -26.66
C GLY A 426 -5.33 9.16 -26.93
N LYS A 427 -5.04 9.80 -28.07
CA LYS A 427 -5.67 11.07 -28.41
C LYS A 427 -7.18 10.95 -28.54
N GLN A 428 -7.67 9.87 -29.13
CA GLN A 428 -9.12 9.79 -29.31
C GLN A 428 -9.83 9.64 -27.96
N GLU A 429 -9.40 8.69 -27.12
CA GLU A 429 -10.05 8.53 -25.82
C GLU A 429 -9.93 9.81 -25.00
N TYR A 430 -8.76 10.45 -25.07
CA TYR A 430 -8.53 11.66 -24.30
C TYR A 430 -9.48 12.78 -24.72
N GLU A 431 -9.57 13.05 -26.03
CA GLU A 431 -10.45 14.14 -26.44
C GLU A 431 -11.92 13.79 -26.20
N LYS A 432 -12.28 12.51 -26.19
CA LYS A 432 -13.63 12.15 -25.75
C LYS A 432 -13.83 12.51 -24.27
N PHE A 433 -12.79 12.33 -23.47
CA PHE A 433 -12.86 12.69 -22.05
C PHE A 433 -13.02 14.20 -21.88
N VAL A 434 -12.19 14.98 -22.56
CA VAL A 434 -12.23 16.43 -22.43
C VAL A 434 -13.54 17.00 -22.95
N SER A 435 -14.08 16.44 -24.04
CA SER A 435 -15.37 16.93 -24.53
C SER A 435 -16.46 16.70 -23.50
N ALA A 436 -16.42 15.55 -22.81
CA ALA A 436 -17.39 15.30 -21.75
C ALA A 436 -17.25 16.31 -20.62
N ILE A 437 -16.02 16.58 -20.16
CA ILE A 437 -15.85 17.61 -19.13
C ILE A 437 -16.43 18.94 -19.62
N ARG A 438 -16.21 19.29 -20.89
CA ARG A 438 -16.68 20.56 -21.41
C ARG A 438 -18.20 20.60 -21.62
N SER A 439 -18.90 19.50 -21.45
CA SER A 439 -20.32 19.49 -21.72
C SER A 439 -21.15 20.01 -20.56
N VAL A 440 -20.53 20.49 -19.48
CA VAL A 440 -21.26 21.10 -18.37
C VAL A 440 -20.66 22.46 -18.06
N PRO A 441 -21.43 23.39 -17.46
CA PRO A 441 -20.95 24.77 -17.33
C PRO A 441 -19.58 24.93 -16.67
N VAL A 442 -19.39 24.33 -15.49
CA VAL A 442 -18.12 24.47 -14.79
C VAL A 442 -16.97 23.95 -15.64
N GLY A 443 -17.24 22.94 -16.47
CA GLY A 443 -16.22 22.38 -17.34
C GLY A 443 -15.63 23.38 -18.31
N LYS A 444 -16.46 24.26 -18.87
CA LYS A 444 -15.99 25.27 -19.81
C LYS A 444 -15.21 26.38 -19.13
N ALA A 445 -15.15 26.39 -17.80
CA ALA A 445 -14.37 27.36 -17.06
C ALA A 445 -13.00 26.81 -16.64
N LEU A 446 -12.70 25.55 -16.95
CA LEU A 446 -11.49 24.92 -16.42
C LEU A 446 -10.39 24.90 -17.47
N ALA A 447 -9.15 25.18 -17.03
CA ALA A 447 -7.95 24.96 -17.84
C ALA A 447 -7.65 23.47 -17.92
N ILE A 448 -7.62 22.92 -19.12
CA ILE A 448 -7.41 21.49 -19.34
C ILE A 448 -6.15 21.31 -20.15
N PRO A 449 -5.23 20.42 -19.76
CA PRO A 449 -3.98 20.23 -20.53
C PRO A 449 -4.25 19.83 -21.97
N ASN A 450 -3.46 20.39 -22.88
CA ASN A 450 -3.57 20.04 -24.29
C ASN A 450 -2.80 18.75 -24.57
N TYR A 451 -3.40 17.87 -25.39
CA TYR A 451 -2.85 16.53 -25.58
C TYR A 451 -1.41 16.57 -26.06
N GLU A 452 -1.12 17.36 -27.11
CA GLU A 452 0.23 17.35 -27.67
C GLU A 452 1.25 17.85 -26.65
N ASN A 453 0.89 18.81 -25.80
CA ASN A 453 1.87 19.24 -24.80
C ASN A 453 2.14 18.13 -23.79
N LEU A 454 1.10 17.39 -23.40
CA LEU A 454 1.31 16.23 -22.53
C LEU A 454 2.22 15.20 -23.19
N ARG A 455 1.96 14.91 -24.47
CA ARG A 455 2.81 13.94 -25.15
C ARG A 455 4.23 14.47 -25.32
N ARG A 456 4.38 15.76 -25.61
CA ARG A 456 5.74 16.29 -25.75
C ARG A 456 6.47 16.27 -24.42
N ASN A 457 5.78 16.63 -23.33
CA ASN A 457 6.43 16.58 -22.02
C ASN A 457 6.82 15.16 -21.65
N TRP A 458 5.98 14.18 -22.02
CA TRP A 458 6.32 12.77 -21.74
C TRP A 458 7.60 12.37 -22.46
N LEU A 459 7.67 12.66 -23.77
CA LEU A 459 8.84 12.25 -24.56
C LEU A 459 10.10 12.93 -24.07
N GLU A 460 9.98 14.09 -23.44
CA GLU A 460 11.19 14.75 -22.96
C GLU A 460 11.76 14.06 -21.73
N LEU A 461 10.95 13.26 -21.04
CA LEU A 461 11.44 12.58 -19.84
C LEU A 461 12.60 11.63 -20.15
N PHE A 462 12.76 11.24 -21.41
CA PHE A 462 13.82 10.32 -21.80
C PHE A 462 15.01 11.04 -22.46
N HIS A 463 15.47 12.17 -21.88
CA HIS A 463 16.54 12.99 -22.47
C HIS A 463 17.46 13.64 -21.45
#